data_5G6G
#
_entry.id   5G6G
#
_cell.length_a   80.810
_cell.length_b   94.570
_cell.length_c   61.970
_cell.angle_alpha   90.00
_cell.angle_beta   90.00
_cell.angle_gamma   90.00
#
_symmetry.space_group_name_H-M   'P 21 21 2'
#
loop_
_entity.id
_entity.type
_entity.pdbx_description
1 polymer 'NITRIC OXIDE SYNTHASE OXYGENASE'
2 non-polymer 'PROTOPORPHYRIN IX CONTAINING FE'
3 non-polymer 5,6,7,8-TETRAHYDROBIOPTERIN
4 non-polymer 'CHLORIDE ION'
5 non-polymer 7-[[2-(methylaminomethyl)phenoxy]methyl]quinolin-2-amine
6 water water
#
_entity_poly.entity_id   1
_entity_poly.type   'polypeptide(L)'
_entity_poly.pdbx_seq_one_letter_code
;MEEKEILWNEAKAFIAACYQELGKAAEVKDRLADIKSEIDLTGSYVHTKEELEHGAKMAWRNSNRCIGRLFWNSLNVIDR
RDVRTKEEVRDALFHHIETATNNGKIRPTITIFPPEEKGEKQVEIWNHQLIRYAGYESDGERIGDPASCSLTAACEELGW
RGERTDFDLLPLIFRMKGDEQPVWYELPRSLVIEVPITHPDIEAFSDLELKWYGVPIISDMKLEVGGIHYNAAPFNGWYM
GTEIGARNLADEKRYDKLKKVASVIGIAADYNTDLWKDQALVELNKAVLHSYKKQGVSIVDHHTAASQFKRFEEQAEEAG
RKLTGDWTWLIPPISPAATHIFHRSYDNSIVKPNYFYQDKPYE
;
_entity_poly.pdbx_strand_id   A
#
# COMPACT_ATOMS: atom_id res chain seq x y z
N GLU A 2 -30.76 12.15 5.74
CA GLU A 2 -30.32 12.74 4.48
C GLU A 2 -28.96 12.18 4.07
N GLU A 3 -28.12 11.86 5.05
CA GLU A 3 -26.92 11.08 4.79
C GLU A 3 -27.23 9.67 5.26
N LYS A 4 -28.33 9.56 6.00
CA LYS A 4 -28.95 8.28 6.29
C LYS A 4 -29.42 7.68 4.98
N GLU A 5 -29.68 8.56 4.01
CA GLU A 5 -30.07 8.17 2.66
C GLU A 5 -28.91 7.51 1.91
N ILE A 6 -27.83 8.26 1.74
CA ILE A 6 -26.65 7.78 1.02
C ILE A 6 -26.17 6.46 1.59
N LEU A 7 -26.09 6.38 2.91
CA LEU A 7 -25.61 5.17 3.57
C LEU A 7 -26.46 3.96 3.20
N TRP A 8 -27.77 4.15 3.12
CA TRP A 8 -28.69 3.05 2.88
C TRP A 8 -28.58 2.50 1.47
N ASN A 9 -28.42 3.40 0.50
CA ASN A 9 -28.32 3.00 -0.89
C ASN A 9 -27.01 2.26 -1.16
N GLU A 10 -25.94 2.78 -0.57
CA GLU A 10 -24.61 2.19 -0.69
C GLU A 10 -24.64 0.82 -0.01
N ALA A 11 -25.46 0.70 1.03
CA ALA A 11 -25.61 -0.55 1.76
C ALA A 11 -26.42 -1.58 0.97
N LYS A 12 -27.47 -1.14 0.29
CA LYS A 12 -28.25 -2.06 -0.54
C LYS A 12 -27.38 -2.60 -1.68
N ALA A 13 -26.70 -1.69 -2.38
CA ALA A 13 -25.85 -2.09 -3.50
C ALA A 13 -24.82 -3.10 -3.04
N PHE A 14 -24.18 -2.81 -1.90
CA PHE A 14 -23.10 -3.65 -1.39
C PHE A 14 -23.59 -5.01 -0.91
N ILE A 15 -24.63 -5.04 -0.08
CA ILE A 15 -25.09 -6.33 0.45
C ILE A 15 -25.60 -7.26 -0.66
N ALA A 16 -26.38 -6.72 -1.59
CA ALA A 16 -26.83 -7.50 -2.74
C ALA A 16 -25.66 -8.19 -3.47
N ALA A 17 -24.62 -7.43 -3.80
CA ALA A 17 -23.53 -7.97 -4.60
C ALA A 17 -22.68 -8.93 -3.79
N CYS A 18 -22.39 -8.54 -2.56
CA CYS A 18 -21.56 -9.35 -1.68
C CYS A 18 -22.24 -10.70 -1.36
N TYR A 19 -23.49 -10.67 -0.94
CA TYR A 19 -24.19 -11.91 -0.60
C TYR A 19 -24.38 -12.77 -1.83
N GLN A 20 -24.59 -12.13 -2.97
CA GLN A 20 -24.65 -12.82 -4.25
C GLN A 20 -23.36 -13.61 -4.53
N GLU A 21 -22.21 -12.93 -4.42
CA GLU A 21 -20.93 -13.57 -4.69
C GLU A 21 -20.66 -14.68 -3.67
N LEU A 22 -21.27 -14.56 -2.49
CA LEU A 22 -21.03 -15.52 -1.42
C LEU A 22 -22.10 -16.63 -1.41
N GLY A 23 -22.92 -16.70 -2.45
CA GLY A 23 -23.98 -17.70 -2.53
C GLY A 23 -25.08 -17.55 -1.48
N LYS A 24 -25.18 -16.37 -0.88
CA LYS A 24 -26.16 -16.09 0.18
C LYS A 24 -27.27 -15.12 -0.25
N ALA A 25 -27.66 -15.19 -1.51
CA ALA A 25 -28.68 -14.30 -2.07
C ALA A 25 -29.99 -14.26 -1.27
N ALA A 26 -30.34 -15.39 -0.65
CA ALA A 26 -31.64 -15.49 0.03
C ALA A 26 -31.66 -14.70 1.33
N GLU A 27 -30.46 -14.53 1.92
CA GLU A 27 -30.32 -13.88 3.22
C GLU A 27 -30.23 -12.36 3.08
N VAL A 28 -30.24 -11.89 1.83
CA VAL A 28 -30.14 -10.47 1.53
C VAL A 28 -31.30 -9.67 2.12
N LYS A 29 -32.51 -10.14 1.87
CA LYS A 29 -33.73 -9.43 2.24
C LYS A 29 -33.81 -9.15 3.75
N ASP A 30 -33.63 -10.20 4.57
CA ASP A 30 -33.69 -10.07 6.02
C ASP A 30 -32.51 -9.28 6.61
N ARG A 31 -31.33 -9.43 6.02
CA ARG A 31 -30.14 -8.69 6.46
C ARG A 31 -30.28 -7.19 6.14
N LEU A 32 -30.81 -6.88 4.95
CA LEU A 32 -31.18 -5.51 4.60
C LEU A 32 -32.22 -4.92 5.57
N ALA A 33 -33.22 -5.72 5.93
CA ALA A 33 -34.26 -5.30 6.86
C ALA A 33 -33.61 -4.77 8.13
N ASP A 34 -32.75 -5.61 8.72
CA ASP A 34 -32.10 -5.31 9.99
C ASP A 34 -31.21 -4.08 9.90
N ILE A 35 -30.56 -3.92 8.74
CA ILE A 35 -29.73 -2.76 8.45
C ILE A 35 -30.60 -1.51 8.32
N LYS A 36 -31.72 -1.65 7.64
CA LYS A 36 -32.63 -0.54 7.43
C LYS A 36 -33.06 0.05 8.76
N SER A 37 -33.25 -0.82 9.75
CA SER A 37 -33.67 -0.40 11.08
C SER A 37 -32.50 0.15 11.88
N GLU A 38 -31.34 -0.46 11.68
CA GLU A 38 -30.14 -0.08 12.44
C GLU A 38 -29.74 1.35 12.08
N ILE A 39 -29.76 1.66 10.78
CA ILE A 39 -29.50 3.04 10.33
C ILE A 39 -30.51 4.01 10.94
N ASP A 40 -31.78 3.65 10.89
CA ASP A 40 -32.85 4.48 11.44
C ASP A 40 -32.52 4.91 12.86
N LEU A 41 -32.34 3.93 13.73
CA LEU A 41 -32.12 4.20 15.14
C LEU A 41 -30.77 4.87 15.36
N THR A 42 -29.71 4.22 14.87
CA THR A 42 -28.33 4.54 15.28
C THR A 42 -27.61 5.57 14.41
N GLY A 43 -28.05 5.73 13.17
CA GLY A 43 -27.35 6.60 12.24
C GLY A 43 -26.23 5.88 11.50
N SER A 44 -26.19 4.54 11.64
CA SER A 44 -25.19 3.71 10.99
C SER A 44 -25.51 2.21 11.12
N TYR A 45 -24.69 1.37 10.50
CA TYR A 45 -24.79 -0.08 10.66
C TYR A 45 -23.43 -0.74 10.78
N VAL A 46 -23.43 -1.93 11.35
CA VAL A 46 -22.18 -2.62 11.62
C VAL A 46 -22.10 -3.84 10.71
N HIS A 47 -20.95 -4.01 10.05
CA HIS A 47 -20.74 -5.18 9.19
C HIS A 47 -20.51 -6.45 9.99
N THR A 48 -21.01 -7.56 9.46
CA THR A 48 -20.62 -8.89 9.95
C THR A 48 -19.17 -9.11 9.56
N LYS A 49 -18.52 -10.10 10.19
CA LYS A 49 -17.11 -10.37 9.89
C LYS A 49 -16.92 -10.76 8.42
N GLU A 50 -17.88 -11.52 7.92
CA GLU A 50 -17.90 -11.98 6.54
C GLU A 50 -18.05 -10.84 5.51
N GLU A 51 -18.89 -9.86 5.82
CA GLU A 51 -19.12 -8.74 4.91
C GLU A 51 -17.87 -7.89 4.89
N LEU A 52 -17.27 -7.70 6.07
CA LEU A 52 -16.08 -6.87 6.15
C LEU A 52 -14.90 -7.52 5.43
N GLU A 53 -14.71 -8.83 5.62
CA GLU A 53 -13.63 -9.54 4.91
C GLU A 53 -13.85 -9.50 3.38
N HIS A 54 -15.07 -9.82 2.97
CA HIS A 54 -15.35 -9.81 1.55
C HIS A 54 -15.28 -8.41 0.92
N GLY A 55 -15.77 -7.39 1.64
CA GLY A 55 -15.69 -6.02 1.15
C GLY A 55 -14.24 -5.58 0.92
N ALA A 56 -13.36 -5.92 1.85
CA ALA A 56 -11.95 -5.54 1.71
C ALA A 56 -11.36 -6.22 0.48
N LYS A 57 -11.86 -7.42 0.20
CA LYS A 57 -11.37 -8.18 -0.95
C LYS A 57 -11.87 -7.57 -2.27
N MET A 58 -13.18 -7.29 -2.34
CA MET A 58 -13.73 -6.58 -3.49
C MET A 58 -12.97 -5.27 -3.71
N ALA A 59 -12.71 -4.54 -2.63
CA ALA A 59 -12.07 -3.22 -2.76
C ALA A 59 -10.73 -3.32 -3.47
N TRP A 60 -9.97 -4.35 -3.14
CA TRP A 60 -8.70 -4.63 -3.81
C TRP A 60 -9.01 -5.02 -5.26
N ARG A 61 -10.00 -5.88 -5.48
CA ARG A 61 -10.38 -6.29 -6.83
C ARG A 61 -10.73 -5.10 -7.74
N ASN A 62 -11.25 -4.03 -7.13
CA ASN A 62 -11.71 -2.87 -7.88
C ASN A 62 -10.67 -1.74 -7.97
N SER A 63 -9.47 -2.00 -7.45
CA SER A 63 -8.39 -0.99 -7.48
C SER A 63 -7.77 -0.87 -8.88
N ASN A 64 -8.31 0.04 -9.68
CA ASN A 64 -7.88 0.22 -11.06
C ASN A 64 -6.37 0.32 -11.27
N ARG A 65 -5.65 0.87 -10.31
CA ARG A 65 -4.23 1.12 -10.51
C ARG A 65 -3.35 -0.04 -10.10
N CYS A 66 -3.99 -1.13 -9.64
CA CYS A 66 -3.24 -2.26 -9.09
C CYS A 66 -3.09 -3.44 -10.04
N ILE A 67 -1.83 -3.78 -10.34
CA ILE A 67 -1.48 -4.87 -11.26
C ILE A 67 -1.45 -6.22 -10.53
N GLY A 68 -1.59 -6.16 -9.21
CA GLY A 68 -1.41 -7.36 -8.41
C GLY A 68 -2.72 -8.03 -8.06
N ARG A 69 -3.80 -7.60 -8.70
CA ARG A 69 -5.14 -7.99 -8.23
C ARG A 69 -5.52 -9.46 -8.40
N LEU A 70 -4.70 -10.27 -9.08
CA LEU A 70 -5.04 -11.68 -9.33
C LEU A 70 -5.34 -12.32 -8.02
N PHE A 71 -4.61 -11.89 -7.00
CA PHE A 71 -4.71 -12.57 -5.72
C PHE A 71 -5.69 -11.92 -4.74
N TRP A 72 -6.65 -11.15 -5.25
CA TRP A 72 -7.59 -10.44 -4.37
C TRP A 72 -8.26 -11.37 -3.36
N ASN A 73 -8.58 -12.60 -3.77
CA ASN A 73 -9.40 -13.45 -2.91
C ASN A 73 -8.64 -14.09 -1.74
N SER A 74 -7.31 -13.99 -1.76
CA SER A 74 -6.52 -14.56 -0.67
C SER A 74 -6.05 -13.52 0.35
N LEU A 75 -6.55 -12.29 0.23
CA LEU A 75 -6.26 -11.24 1.22
C LEU A 75 -6.56 -11.71 2.64
N ASN A 76 -5.59 -11.57 3.54
CA ASN A 76 -5.78 -11.92 4.95
C ASN A 76 -6.31 -10.68 5.71
N VAL A 77 -7.57 -10.73 6.12
CA VAL A 77 -8.25 -9.58 6.72
C VAL A 77 -8.25 -9.72 8.25
N ILE A 78 -7.67 -8.76 8.96
CA ILE A 78 -7.71 -8.77 10.44
C ILE A 78 -8.72 -7.74 10.93
N ASP A 79 -9.75 -8.20 11.63
CA ASP A 79 -10.81 -7.32 12.12
C ASP A 79 -10.42 -6.71 13.48
N ARG A 80 -10.04 -5.44 13.48
CA ARG A 80 -9.69 -4.77 14.76
C ARG A 80 -10.60 -3.61 15.12
N ARG A 81 -11.89 -3.75 14.80
CA ARG A 81 -12.90 -2.76 15.15
C ARG A 81 -13.13 -2.61 16.67
N ASP A 82 -12.57 -3.52 17.43
CA ASP A 82 -12.68 -3.51 18.89
C ASP A 82 -11.71 -2.53 19.58
N VAL A 83 -10.69 -2.03 18.90
CA VAL A 83 -9.68 -1.21 19.60
C VAL A 83 -10.25 0.11 20.14
N ARG A 84 -9.85 0.46 21.36
CA ARG A 84 -10.26 1.71 21.98
C ARG A 84 -9.08 2.52 22.51
N THR A 85 -7.90 1.91 22.64
CA THR A 85 -6.75 2.61 23.23
C THR A 85 -5.54 2.72 22.29
N LYS A 86 -4.68 3.70 22.53
CA LYS A 86 -3.50 3.87 21.68
C LYS A 86 -2.47 2.72 21.85
N GLU A 87 -2.42 2.13 23.05
CA GLU A 87 -1.64 0.90 23.22
C GLU A 87 -2.17 -0.24 22.33
N GLU A 88 -3.49 -0.38 22.25
CA GLU A 88 -4.10 -1.39 21.38
C GLU A 88 -3.82 -1.12 19.90
N VAL A 89 -3.91 0.15 19.50
CA VAL A 89 -3.65 0.49 18.11
C VAL A 89 -2.20 0.15 17.79
N ARG A 90 -1.32 0.56 18.69
CA ARG A 90 0.10 0.30 18.52
C ARG A 90 0.33 -1.18 18.38
N ASP A 91 -0.19 -1.95 19.32
CA ASP A 91 0.04 -3.39 19.30
C ASP A 91 -0.61 -4.01 18.07
N ALA A 92 -1.74 -3.47 17.63
CA ALA A 92 -2.32 -3.95 16.38
C ALA A 92 -1.40 -3.67 15.17
N LEU A 93 -0.76 -2.50 15.18
CA LEU A 93 0.04 -2.13 14.04
C LEU A 93 1.33 -2.99 14.03
N PHE A 94 1.92 -3.20 15.20
CA PHE A 94 3.06 -4.10 15.36
C PHE A 94 2.73 -5.51 14.86
N HIS A 95 1.60 -6.06 15.31
CA HIS A 95 1.19 -7.39 14.87
C HIS A 95 1.09 -7.45 13.35
N HIS A 96 0.42 -6.45 12.76
CA HIS A 96 0.26 -6.42 11.32
C HIS A 96 1.62 -6.56 10.65
N ILE A 97 2.59 -5.78 11.10
CA ILE A 97 3.93 -5.85 10.51
C ILE A 97 4.51 -7.28 10.63
N GLU A 98 4.42 -7.87 11.81
CA GLU A 98 4.96 -9.20 12.06
C GLU A 98 4.22 -10.25 11.22
N THR A 99 2.88 -10.22 11.23
CA THR A 99 2.14 -11.27 10.52
C THR A 99 2.19 -11.13 9.00
N ALA A 100 2.12 -9.90 8.49
CA ALA A 100 2.29 -9.70 7.06
C ALA A 100 3.69 -10.13 6.58
N THR A 101 4.72 -9.83 7.37
CA THR A 101 6.11 -10.12 6.99
C THR A 101 6.36 -11.64 6.94
N ASN A 102 5.90 -12.35 7.98
CA ASN A 102 5.90 -13.81 7.97
C ASN A 102 7.30 -14.32 7.67
N ASN A 103 8.32 -13.73 8.32
CA ASN A 103 9.70 -14.15 8.07
C ASN A 103 10.14 -14.06 6.60
N GLY A 104 9.59 -13.12 5.84
CA GLY A 104 10.01 -12.95 4.45
C GLY A 104 9.00 -13.50 3.43
N LYS A 105 8.27 -14.55 3.79
CA LYS A 105 7.26 -15.07 2.87
C LYS A 105 5.97 -14.24 3.04
N ILE A 106 5.96 -13.04 2.45
CA ILE A 106 4.95 -12.00 2.72
C ILE A 106 3.50 -12.46 2.50
N ARG A 107 2.63 -12.19 3.47
CA ARG A 107 1.18 -12.42 3.36
C ARG A 107 0.51 -11.09 3.08
N PRO A 108 -0.16 -10.96 1.91
CA PRO A 108 -1.02 -9.78 1.73
C PRO A 108 -2.03 -9.74 2.89
N THR A 109 -2.06 -8.66 3.65
CA THR A 109 -2.89 -8.55 4.84
C THR A 109 -3.49 -7.15 4.96
N ILE A 110 -4.64 -7.02 5.61
CA ILE A 110 -5.14 -5.70 5.95
C ILE A 110 -5.63 -5.79 7.38
N THR A 111 -5.37 -4.74 8.18
CA THR A 111 -5.92 -4.67 9.55
C THR A 111 -6.95 -3.56 9.47
N ILE A 112 -8.17 -3.82 9.95
CA ILE A 112 -9.23 -2.82 9.81
C ILE A 112 -9.61 -2.22 11.16
N PHE A 113 -9.47 -0.90 11.29
CA PHE A 113 -9.74 -0.27 12.58
C PHE A 113 -11.19 0.21 12.58
N PRO A 114 -11.69 0.74 13.73
CA PRO A 114 -13.06 1.24 13.73
C PRO A 114 -13.25 2.36 12.70
N PRO A 115 -14.41 2.39 12.01
CA PRO A 115 -14.64 3.33 10.91
C PRO A 115 -15.00 4.72 11.42
N GLU A 116 -15.00 5.71 10.51
CA GLU A 116 -15.45 7.06 10.83
C GLU A 116 -16.89 7.02 11.35
N GLU A 117 -17.19 7.85 12.33
CA GLU A 117 -18.51 7.87 12.94
C GLU A 117 -19.40 8.88 12.24
N LYS A 118 -19.08 10.16 12.39
CA LYS A 118 -19.82 11.20 11.69
C LYS A 118 -18.94 11.91 10.67
N GLY A 119 -18.00 11.16 10.09
CA GLY A 119 -16.88 11.75 9.38
C GLY A 119 -15.81 12.03 10.42
N GLU A 120 -16.12 11.69 11.67
CA GLU A 120 -15.16 11.79 12.76
C GLU A 120 -14.33 10.51 12.87
N LYS A 121 -13.01 10.65 12.74
CA LYS A 121 -12.09 9.52 12.82
C LYS A 121 -11.94 9.02 14.26
N GLN A 122 -12.00 7.71 14.45
CA GLN A 122 -11.77 7.15 15.78
C GLN A 122 -10.26 7.05 15.98
N VAL A 123 -9.59 6.73 14.89
CA VAL A 123 -8.15 6.56 14.87
C VAL A 123 -7.66 7.23 13.59
N GLU A 124 -6.65 8.08 13.71
CA GLU A 124 -6.18 8.81 12.54
C GLU A 124 -4.69 8.58 12.38
N ILE A 125 -4.33 7.71 11.42
CA ILE A 125 -2.94 7.33 11.20
C ILE A 125 -2.16 8.35 10.36
N TRP A 126 -1.01 8.83 10.85
CA TRP A 126 -0.25 9.85 10.11
C TRP A 126 0.75 9.30 9.11
N ASN A 127 1.27 8.08 9.34
CA ASN A 127 2.19 7.47 8.36
C ASN A 127 1.57 7.24 7.00
N HIS A 128 2.40 7.30 5.95
CA HIS A 128 1.94 6.97 4.61
C HIS A 128 2.15 5.49 4.37
N GLN A 129 3.26 4.96 4.89
CA GLN A 129 3.38 3.53 5.10
C GLN A 129 3.81 3.29 6.53
N LEU A 130 3.43 2.15 7.09
CA LEU A 130 3.84 1.83 8.46
C LEU A 130 5.37 1.79 8.55
N ILE A 131 6.00 1.33 7.49
CA ILE A 131 7.46 1.31 7.44
C ILE A 131 7.94 2.18 6.28
N ARG A 132 8.53 3.32 6.62
CA ARG A 132 9.06 4.28 5.65
C ARG A 132 10.29 4.99 6.20
N TYR A 133 11.15 5.51 5.31
CA TYR A 133 12.37 6.19 5.70
C TYR A 133 12.16 7.70 5.80
N ALA A 134 12.83 8.33 6.77
CA ALA A 134 12.71 9.77 7.01
C ALA A 134 13.46 10.53 5.94
N GLY A 135 13.13 11.81 5.79
CA GLY A 135 13.79 12.64 4.80
C GLY A 135 14.06 13.99 5.42
N TYR A 136 15.20 14.56 5.09
CA TYR A 136 15.57 15.86 5.64
C TYR A 136 16.13 16.73 4.51
N GLU A 137 15.87 18.02 4.59
CA GLU A 137 16.49 19.00 3.72
C GLU A 137 16.73 20.25 4.53
N SER A 138 17.96 20.74 4.52
CA SER A 138 18.28 22.02 5.15
C SER A 138 19.65 22.49 4.69
N ASP A 139 19.74 23.77 4.36
CA ASP A 139 20.99 24.36 3.88
C ASP A 139 21.54 23.56 2.70
N GLY A 140 20.72 23.39 1.67
CA GLY A 140 21.12 22.68 0.47
C GLY A 140 21.26 21.18 0.66
N GLU A 141 21.47 20.76 1.91
CA GLU A 141 21.73 19.37 2.24
C GLU A 141 20.48 18.50 2.13
N ARG A 142 20.67 17.28 1.63
CA ARG A 142 19.56 16.36 1.43
C ARG A 142 19.92 14.97 1.92
N ILE A 143 19.14 14.47 2.87
CA ILE A 143 19.40 13.17 3.48
C ILE A 143 18.10 12.39 3.47
N GLY A 144 18.19 11.10 3.20
CA GLY A 144 17.03 10.24 3.34
C GLY A 144 16.11 10.37 2.15
N ASP A 145 14.81 10.19 2.40
CA ASP A 145 13.82 10.08 1.34
C ASP A 145 12.99 11.35 1.28
N PRO A 146 13.21 12.16 0.25
CA PRO A 146 12.48 13.43 0.13
C PRO A 146 10.97 13.22 0.22
N ALA A 147 10.47 12.08 -0.22
CA ALA A 147 9.01 11.86 -0.19
C ALA A 147 8.50 12.00 1.26
N SER A 148 9.39 11.75 2.22
CA SER A 148 9.06 11.85 3.65
C SER A 148 9.48 13.13 4.36
N CYS A 149 9.94 14.14 3.63
CA CYS A 149 10.39 15.37 4.29
C CYS A 149 9.37 15.99 5.23
N SER A 150 8.12 16.10 4.80
CA SER A 150 7.18 16.88 5.65
C SER A 150 6.68 16.09 6.88
N LEU A 151 6.39 14.80 6.70
CA LEU A 151 6.02 13.94 7.83
C LEU A 151 7.17 13.89 8.83
N THR A 152 8.40 13.83 8.32
CA THR A 152 9.60 13.86 9.17
C THR A 152 9.66 15.13 10.00
N ALA A 153 9.39 16.28 9.39
CA ALA A 153 9.38 17.54 10.14
C ALA A 153 8.26 17.55 11.19
N ALA A 154 7.14 16.90 10.89
CA ALA A 154 6.04 16.86 11.85
C ALA A 154 6.35 15.95 13.04
N CYS A 155 7.00 14.80 12.81
CA CYS A 155 7.47 13.97 13.93
C CYS A 155 8.49 14.72 14.80
N GLU A 156 9.39 15.47 14.18
CA GLU A 156 10.36 16.22 14.96
C GLU A 156 9.73 17.38 15.72
N GLU A 157 8.47 17.71 15.44
CA GLU A 157 7.73 18.67 16.27
C GLU A 157 7.19 17.98 17.51
N LEU A 158 7.13 16.67 17.47
CA LEU A 158 6.52 15.94 18.58
C LEU A 158 7.55 15.33 19.51
N GLY A 159 8.79 15.81 19.42
CA GLY A 159 9.84 15.37 20.31
C GLY A 159 10.60 14.14 19.87
N TRP A 160 10.29 13.63 18.68
CA TRP A 160 11.13 12.62 18.05
C TRP A 160 12.31 13.33 17.42
N ARG A 161 13.40 12.59 17.23
CA ARG A 161 14.58 13.10 16.54
C ARG A 161 15.18 11.95 15.73
N GLY A 162 15.43 12.18 14.44
CA GLY A 162 16.04 11.16 13.60
C GLY A 162 17.57 11.23 13.67
N GLU A 163 18.21 10.08 13.47
CA GLU A 163 19.66 10.04 13.47
C GLU A 163 20.27 10.71 12.23
N ARG A 164 19.45 10.95 11.22
CA ARG A 164 19.92 11.56 9.96
C ARG A 164 20.88 10.68 9.13
N THR A 165 20.62 9.38 9.14
CA THR A 165 21.15 8.53 8.11
C THR A 165 20.20 8.63 6.94
N ASP A 166 20.52 7.99 5.82
CA ASP A 166 19.66 8.01 4.66
C ASP A 166 18.52 7.01 4.82
N PHE A 167 18.57 6.24 5.91
CA PHE A 167 17.58 5.17 6.11
C PHE A 167 17.10 5.09 7.56
N ASP A 168 16.88 6.25 8.19
CA ASP A 168 16.19 6.29 9.47
C ASP A 168 14.75 5.77 9.32
N LEU A 169 14.36 4.82 10.16
CA LEU A 169 12.97 4.37 10.20
C LEU A 169 12.14 5.41 10.94
N LEU A 170 11.10 5.93 10.28
CA LEU A 170 10.16 6.84 10.96
C LEU A 170 9.41 6.08 12.01
N PRO A 171 8.97 6.76 13.07
CA PRO A 171 8.22 6.02 14.08
C PRO A 171 6.80 5.84 13.57
N LEU A 172 6.00 4.99 14.21
CA LEU A 172 4.54 4.97 13.98
C LEU A 172 3.99 6.18 14.64
N ILE A 173 3.08 6.89 13.98
CA ILE A 173 2.51 8.07 14.60
C ILE A 173 1.05 8.17 14.20
N PHE A 174 0.18 8.38 15.19
CA PHE A 174 -1.27 8.40 14.96
C PHE A 174 -1.99 9.13 16.07
N ARG A 175 -3.19 9.61 15.80
CA ARG A 175 -3.96 10.28 16.84
C ARG A 175 -5.29 9.59 17.13
N MET A 176 -5.64 9.51 18.41
CA MET A 176 -6.91 8.94 18.87
C MET A 176 -7.94 10.05 19.02
N LYS A 177 -9.18 9.76 18.62
CA LYS A 177 -10.29 10.68 18.79
C LYS A 177 -10.23 11.25 20.19
N GLY A 178 -10.32 12.57 20.31
CA GLY A 178 -10.29 13.21 21.61
C GLY A 178 -8.96 13.89 21.85
N ASP A 179 -7.88 13.22 21.45
CA ASP A 179 -6.55 13.76 21.69
C ASP A 179 -6.29 14.87 20.68
N GLU A 180 -5.55 15.88 21.11
CA GLU A 180 -5.21 17.01 20.24
C GLU A 180 -3.92 16.76 19.45
N GLN A 181 -2.99 16.01 20.03
CA GLN A 181 -1.77 15.63 19.32
C GLN A 181 -1.70 14.13 19.12
N PRO A 182 -1.06 13.68 18.03
CA PRO A 182 -0.85 12.24 17.87
C PRO A 182 0.24 11.76 18.83
N VAL A 183 0.36 10.45 19.05
CA VAL A 183 1.47 9.91 19.83
C VAL A 183 2.38 9.24 18.82
N TRP A 184 3.64 9.00 19.19
CA TRP A 184 4.55 8.26 18.30
C TRP A 184 5.30 7.15 19.04
N TYR A 185 5.57 6.06 18.33
CA TYR A 185 6.26 4.91 18.88
C TYR A 185 7.35 4.46 17.93
N GLU A 186 8.56 4.34 18.43
CA GLU A 186 9.69 3.84 17.66
C GLU A 186 9.41 2.38 17.23
N LEU A 187 9.69 2.03 15.98
CA LEU A 187 9.52 0.65 15.51
C LEU A 187 10.60 -0.26 16.08
N PRO A 188 10.20 -1.39 16.65
CA PRO A 188 11.20 -2.38 17.07
C PRO A 188 11.95 -2.93 15.83
N ARG A 189 13.26 -2.73 15.76
CA ARG A 189 14.02 -3.20 14.60
C ARG A 189 13.84 -4.70 14.35
N SER A 190 13.65 -5.49 15.40
CA SER A 190 13.39 -6.93 15.22
C SER A 190 12.20 -7.25 14.31
N LEU A 191 11.29 -6.29 14.13
CA LEU A 191 10.09 -6.54 13.33
C LEU A 191 10.26 -6.14 11.89
N VAL A 192 11.28 -5.32 11.62
CA VAL A 192 11.42 -4.72 10.31
C VAL A 192 12.52 -5.40 9.52
N ILE A 193 12.15 -6.22 8.54
CA ILE A 193 13.15 -6.81 7.66
C ILE A 193 13.62 -5.76 6.64
N GLU A 194 14.92 -5.65 6.45
CA GLU A 194 15.47 -4.77 5.42
C GLU A 194 16.31 -5.61 4.50
N VAL A 195 16.48 -5.20 3.26
CA VAL A 195 17.26 -5.97 2.29
C VAL A 195 18.40 -5.16 1.73
N PRO A 196 19.65 -5.57 2.00
CA PRO A 196 20.75 -4.81 1.38
C PRO A 196 20.80 -5.10 -0.12
N ILE A 197 20.99 -4.06 -0.94
CA ILE A 197 20.96 -4.27 -2.39
C ILE A 197 22.34 -4.66 -2.90
N THR A 198 22.46 -5.87 -3.44
CA THR A 198 23.70 -6.32 -4.07
C THR A 198 23.39 -6.77 -5.51
N HIS A 199 24.41 -6.87 -6.37
CA HIS A 199 24.20 -7.27 -7.76
C HIS A 199 24.73 -8.69 -7.96
N PRO A 200 24.00 -9.49 -8.77
CA PRO A 200 24.33 -10.90 -9.05
C PRO A 200 25.77 -11.09 -9.49
N ASP A 201 26.34 -10.15 -10.23
CA ASP A 201 27.71 -10.35 -10.68
C ASP A 201 28.59 -9.12 -10.81
N ILE A 202 28.16 -7.99 -10.24
CA ILE A 202 28.99 -6.80 -10.20
C ILE A 202 29.20 -6.53 -8.73
N GLU A 203 30.37 -6.90 -8.22
CA GLU A 203 30.56 -6.92 -6.78
C GLU A 203 30.71 -5.53 -6.18
N ALA A 204 31.01 -4.57 -7.04
CA ALA A 204 31.24 -3.22 -6.60
C ALA A 204 29.91 -2.59 -6.22
N PHE A 205 28.81 -3.21 -6.66
CA PHE A 205 27.48 -2.63 -6.46
C PHE A 205 27.21 -2.38 -4.98
N SER A 206 27.81 -3.19 -4.10
CA SER A 206 27.58 -3.06 -2.67
C SER A 206 28.23 -1.82 -2.08
N ASP A 207 29.11 -1.18 -2.86
CA ASP A 207 29.72 0.10 -2.45
C ASP A 207 28.67 1.21 -2.38
N LEU A 208 27.54 1.02 -3.07
CA LEU A 208 26.51 2.05 -3.06
C LEU A 208 25.84 2.06 -1.71
N GLU A 209 25.95 0.92 -0.99
CA GLU A 209 25.38 0.74 0.36
C GLU A 209 23.88 1.02 0.38
N LEU A 210 23.21 0.56 -0.66
CA LEU A 210 21.77 0.72 -0.79
C LEU A 210 21.06 -0.36 0.00
N LYS A 211 19.87 -0.04 0.51
CA LYS A 211 18.99 -1.07 1.03
C LYS A 211 17.56 -0.57 0.92
N TRP A 212 16.61 -1.45 1.21
CA TRP A 212 15.20 -1.06 1.24
C TRP A 212 14.49 -2.01 2.22
N TYR A 213 13.27 -1.66 2.64
CA TYR A 213 12.58 -2.47 3.62
C TYR A 213 11.74 -3.50 2.91
N GLY A 214 11.37 -4.56 3.62
CA GLY A 214 10.79 -5.71 2.94
C GLY A 214 9.37 -5.49 2.50
N VAL A 215 8.58 -4.77 3.30
CA VAL A 215 7.14 -4.81 3.13
C VAL A 215 6.55 -3.42 3.05
N PRO A 216 5.88 -3.10 1.92
CA PRO A 216 5.21 -1.82 1.68
C PRO A 216 3.84 -1.92 2.29
N ILE A 217 3.56 -1.17 3.35
CA ILE A 217 2.29 -1.32 4.06
C ILE A 217 1.62 0.03 4.03
N ILE A 218 0.68 0.21 3.10
CA ILE A 218 0.12 1.54 2.81
C ILE A 218 -0.87 1.93 3.92
N SER A 219 -0.66 3.06 4.60
CA SER A 219 -1.50 3.41 5.73
C SER A 219 -2.28 4.72 5.60
N ASP A 220 -2.45 5.23 4.38
CA ASP A 220 -3.07 6.54 4.23
C ASP A 220 -4.34 6.52 3.38
N MET A 221 -4.81 5.33 3.02
CA MET A 221 -6.01 5.29 2.20
C MET A 221 -7.20 4.85 3.00
N LYS A 222 -8.37 5.33 2.59
CA LYS A 222 -9.63 4.94 3.20
C LYS A 222 -10.21 3.75 2.47
N LEU A 223 -10.62 2.72 3.22
CA LEU A 223 -11.37 1.61 2.66
C LEU A 223 -12.85 1.91 2.80
N GLU A 224 -13.57 1.93 1.69
CA GLU A 224 -15.00 2.20 1.77
C GLU A 224 -15.76 0.95 1.37
N VAL A 225 -16.69 0.54 2.23
CA VAL A 225 -17.46 -0.67 1.99
C VAL A 225 -18.89 -0.40 2.40
N GLY A 226 -19.81 -0.44 1.44
CA GLY A 226 -21.23 -0.24 1.71
C GLY A 226 -21.51 1.01 2.51
N GLY A 227 -20.89 2.13 2.13
CA GLY A 227 -21.15 3.38 2.81
C GLY A 227 -20.46 3.57 4.15
N ILE A 228 -19.74 2.54 4.61
CA ILE A 228 -18.95 2.65 5.83
C ILE A 228 -17.52 3.04 5.48
N HIS A 229 -16.99 4.03 6.21
CA HIS A 229 -15.72 4.65 5.86
C HIS A 229 -14.62 4.26 6.83
N TYR A 230 -13.78 3.31 6.41
CA TYR A 230 -12.69 2.85 7.27
C TYR A 230 -11.45 3.65 6.93
N ASN A 231 -11.30 4.81 7.57
CA ASN A 231 -10.20 5.70 7.21
C ASN A 231 -8.88 5.08 7.64
N ALA A 232 -8.93 4.23 8.66
CA ALA A 232 -7.73 3.57 9.17
C ALA A 232 -7.82 2.08 8.89
N ALA A 233 -7.15 1.65 7.82
CA ALA A 233 -7.17 0.25 7.43
C ALA A 233 -5.96 -0.04 6.58
N PRO A 234 -4.80 -0.10 7.22
CA PRO A 234 -3.54 -0.29 6.51
C PRO A 234 -3.45 -1.69 5.90
N PHE A 235 -2.88 -1.77 4.71
CA PHE A 235 -2.78 -3.05 4.02
C PHE A 235 -1.42 -3.17 3.35
N ASN A 236 -1.02 -4.41 3.04
CA ASN A 236 0.23 -4.62 2.29
C ASN A 236 0.12 -5.69 1.20
N GLY A 237 0.99 -5.60 0.21
CA GLY A 237 1.23 -6.72 -0.68
C GLY A 237 2.69 -7.06 -0.49
N TRP A 238 3.30 -7.68 -1.51
CA TRP A 238 4.76 -7.67 -1.68
C TRP A 238 5.09 -6.66 -2.76
N TYR A 239 6.36 -6.24 -2.83
CA TYR A 239 6.78 -5.28 -3.83
C TYR A 239 6.85 -5.90 -5.22
N MET A 240 6.56 -5.07 -6.24
CA MET A 240 7.01 -5.32 -7.59
C MET A 240 8.40 -4.65 -7.69
N GLY A 241 9.42 -5.39 -8.16
CA GLY A 241 10.77 -4.83 -8.17
C GLY A 241 10.90 -3.42 -8.74
N THR A 242 10.19 -3.08 -9.82
CA THR A 242 10.31 -1.71 -10.36
C THR A 242 9.97 -0.58 -9.37
N GLU A 243 9.13 -0.88 -8.37
CA GLU A 243 8.70 0.24 -7.48
C GLU A 243 9.91 0.72 -6.71
N ILE A 244 10.80 -0.22 -6.41
CA ILE A 244 11.98 0.10 -5.67
C ILE A 244 13.08 0.59 -6.61
N GLY A 245 13.34 -0.18 -7.67
CA GLY A 245 14.51 0.04 -8.50
C GLY A 245 14.39 1.11 -9.56
N ALA A 246 13.17 1.40 -9.96
CA ALA A 246 12.94 2.32 -11.07
C ALA A 246 12.33 3.61 -10.55
N ARG A 247 11.85 3.61 -9.32
CA ARG A 247 11.24 4.83 -8.74
C ARG A 247 11.86 5.28 -7.39
N ASN A 248 11.68 4.49 -6.33
CA ASN A 248 12.13 4.91 -5.00
C ASN A 248 13.60 5.22 -4.98
N LEU A 249 14.37 4.38 -5.66
CA LEU A 249 15.82 4.58 -5.70
C LEU A 249 16.31 5.44 -6.91
N ALA A 250 15.47 5.58 -7.93
CA ALA A 250 15.90 6.18 -9.21
C ALA A 250 15.44 7.60 -9.43
N ASP A 251 14.21 7.93 -9.01
CA ASP A 251 13.63 9.25 -9.31
C ASP A 251 14.55 10.34 -8.80
N GLU A 252 14.65 11.46 -9.54
CA GLU A 252 15.48 12.55 -9.06
C GLU A 252 14.94 13.12 -7.77
N LYS A 253 13.61 13.07 -7.59
CA LYS A 253 12.98 13.57 -6.37
C LYS A 253 12.88 12.50 -5.26
N ARG A 254 13.54 11.38 -5.46
CA ARG A 254 13.61 10.36 -4.43
C ARG A 254 15.08 10.16 -4.16
N TYR A 255 15.55 8.92 -4.16
CA TYR A 255 16.96 8.72 -3.81
C TYR A 255 17.94 9.12 -4.94
N ASP A 256 17.48 9.22 -6.18
CA ASP A 256 18.30 9.79 -7.26
C ASP A 256 19.68 9.08 -7.46
N LYS A 257 19.68 7.75 -7.52
CA LYS A 257 20.92 6.97 -7.56
C LYS A 257 21.46 6.62 -8.94
N LEU A 258 20.82 7.05 -10.03
CA LEU A 258 21.22 6.50 -11.33
C LEU A 258 22.70 6.78 -11.72
N LYS A 259 23.19 7.97 -11.42
CA LYS A 259 24.57 8.34 -11.75
C LYS A 259 25.53 7.47 -10.95
N LYS A 260 25.21 7.28 -9.68
CA LYS A 260 26.03 6.40 -8.84
C LYS A 260 26.00 4.96 -9.34
N VAL A 261 24.84 4.49 -9.78
CA VAL A 261 24.76 3.16 -10.38
C VAL A 261 25.66 3.03 -11.61
N ALA A 262 25.66 4.07 -12.46
CA ALA A 262 26.42 4.01 -13.72
C ALA A 262 27.89 3.86 -13.40
N SER A 263 28.33 4.61 -12.40
CA SER A 263 29.72 4.58 -12.01
C SER A 263 30.16 3.18 -11.54
N VAL A 264 29.46 2.59 -10.58
CA VAL A 264 29.84 1.24 -10.13
C VAL A 264 29.66 0.15 -11.18
N ILE A 265 28.81 0.36 -12.18
CA ILE A 265 28.66 -0.68 -13.19
C ILE A 265 29.62 -0.42 -14.34
N GLY A 266 30.47 0.58 -14.17
CA GLY A 266 31.54 0.78 -15.13
C GLY A 266 31.18 1.44 -16.45
N ILE A 267 30.09 2.19 -16.51
CA ILE A 267 29.74 2.90 -17.76
C ILE A 267 29.72 4.41 -17.56
N ALA A 268 30.02 5.14 -18.63
CA ALA A 268 29.97 6.61 -18.64
C ALA A 268 28.54 7.13 -18.51
N ALA A 269 28.38 8.28 -17.85
CA ALA A 269 27.09 8.95 -17.70
C ALA A 269 27.13 10.34 -18.34
N ASP A 270 27.77 10.45 -19.51
CA ASP A 270 27.99 11.75 -20.17
C ASP A 270 26.99 12.03 -21.33
N TYR A 271 26.53 10.99 -22.04
CA TYR A 271 25.82 11.20 -23.31
C TYR A 271 24.47 10.52 -23.34
N ASN A 272 23.40 11.25 -23.67
CA ASN A 272 22.06 10.63 -23.73
C ASN A 272 22.06 9.45 -24.71
N THR A 273 22.78 9.59 -25.82
CA THR A 273 22.73 8.55 -26.84
C THR A 273 23.35 7.22 -26.41
N ASP A 274 24.06 7.22 -25.28
CA ASP A 274 24.59 5.99 -24.73
C ASP A 274 23.52 5.23 -23.98
N LEU A 275 22.39 5.91 -23.72
CA LEU A 275 21.29 5.32 -22.96
C LEU A 275 21.78 4.81 -21.62
N TRP A 276 22.66 5.60 -21.00
CA TRP A 276 23.24 5.18 -19.73
C TRP A 276 22.19 5.12 -18.65
N LYS A 277 21.17 5.99 -18.70
CA LYS A 277 20.16 5.91 -17.65
C LYS A 277 19.38 4.60 -17.79
N ASP A 278 19.09 4.21 -19.03
CA ASP A 278 18.31 3.00 -19.21
C ASP A 278 19.07 1.77 -18.72
N GLN A 279 20.37 1.76 -18.98
CA GLN A 279 21.22 0.61 -18.65
C GLN A 279 21.39 0.55 -17.14
N ALA A 280 21.66 1.71 -16.55
CA ALA A 280 21.67 1.82 -15.10
C ALA A 280 20.36 1.34 -14.46
N LEU A 281 19.23 1.80 -14.99
CA LEU A 281 17.92 1.34 -14.52
C LEU A 281 17.80 -0.18 -14.57
N VAL A 282 18.32 -0.79 -15.63
CA VAL A 282 18.13 -2.24 -15.77
C VAL A 282 18.98 -2.98 -14.75
N GLU A 283 20.24 -2.59 -14.59
CA GLU A 283 21.13 -3.25 -13.63
C GLU A 283 20.66 -3.02 -12.20
N LEU A 284 20.21 -1.81 -11.89
CA LEU A 284 19.66 -1.51 -10.56
C LEU A 284 18.48 -2.40 -10.27
N ASN A 285 17.59 -2.54 -11.28
CA ASN A 285 16.41 -3.40 -11.09
C ASN A 285 16.68 -4.90 -11.01
N LYS A 286 17.70 -5.35 -11.74
CA LYS A 286 18.15 -6.73 -11.63
C LYS A 286 18.70 -6.96 -10.23
N ALA A 287 19.38 -5.95 -9.70
CA ALA A 287 20.01 -6.07 -8.38
C ALA A 287 18.96 -6.22 -7.29
N VAL A 288 17.93 -5.37 -7.35
CA VAL A 288 16.86 -5.42 -6.37
C VAL A 288 16.18 -6.77 -6.34
N LEU A 289 15.90 -7.37 -7.51
CA LEU A 289 15.17 -8.65 -7.52
C LEU A 289 16.07 -9.74 -6.97
N HIS A 290 17.35 -9.66 -7.33
CA HIS A 290 18.32 -10.63 -6.87
C HIS A 290 18.44 -10.57 -5.34
N SER A 291 18.46 -9.35 -4.79
CA SER A 291 18.68 -9.19 -3.36
C SER A 291 17.48 -9.66 -2.53
N TYR A 292 16.27 -9.39 -3.01
CA TYR A 292 15.12 -9.84 -2.29
C TYR A 292 15.05 -11.35 -2.31
N LYS A 293 15.33 -11.94 -3.47
CA LYS A 293 15.29 -13.39 -3.67
C LYS A 293 16.38 -14.09 -2.84
N LYS A 294 17.58 -13.52 -2.83
CA LYS A 294 18.70 -14.09 -2.06
C LYS A 294 18.40 -14.06 -0.56
N GLN A 295 17.76 -12.99 -0.12
CA GLN A 295 17.39 -12.85 1.28
C GLN A 295 16.08 -13.60 1.65
N GLY A 296 15.45 -14.23 0.65
CA GLY A 296 14.22 -14.96 0.92
C GLY A 296 13.06 -14.06 1.34
N VAL A 297 12.96 -12.89 0.72
CA VAL A 297 11.86 -11.98 0.93
C VAL A 297 11.08 -11.86 -0.39
N SER A 298 9.76 -12.08 -0.30
CA SER A 298 8.88 -12.10 -1.47
C SER A 298 9.02 -10.84 -2.27
N ILE A 299 8.98 -11.01 -3.61
CA ILE A 299 9.02 -9.89 -4.56
C ILE A 299 8.58 -10.47 -5.90
N VAL A 300 8.12 -9.60 -6.81
CA VAL A 300 7.73 -10.03 -8.15
C VAL A 300 8.38 -9.09 -9.17
N ASP A 301 8.77 -9.61 -10.34
CA ASP A 301 9.32 -8.74 -11.39
C ASP A 301 8.16 -8.29 -12.27
N HIS A 302 8.29 -7.18 -12.99
CA HIS A 302 7.15 -6.62 -13.76
C HIS A 302 6.61 -7.56 -14.84
N HIS A 303 7.45 -8.48 -15.31
CA HIS A 303 6.98 -9.39 -16.38
C HIS A 303 6.02 -10.44 -15.81
N THR A 304 6.42 -11.08 -14.71
CA THR A 304 5.57 -12.08 -14.05
C THR A 304 4.31 -11.40 -13.56
N ALA A 305 4.46 -10.23 -12.95
CA ALA A 305 3.31 -9.47 -12.45
C ALA A 305 2.29 -9.26 -13.56
N ALA A 306 2.73 -8.76 -14.73
CA ALA A 306 1.86 -8.54 -15.88
C ALA A 306 1.20 -9.81 -16.37
N SER A 307 1.94 -10.93 -16.33
CA SER A 307 1.35 -12.24 -16.67
C SER A 307 0.24 -12.61 -15.69
N GLN A 308 0.46 -12.40 -14.40
CA GLN A 308 -0.60 -12.65 -13.42
C GLN A 308 -1.81 -11.78 -13.74
N PHE A 309 -1.56 -10.52 -14.09
CA PHE A 309 -2.66 -9.60 -14.34
C PHE A 309 -3.44 -10.00 -15.57
N LYS A 310 -2.74 -10.50 -16.57
CA LYS A 310 -3.43 -11.10 -17.72
C LYS A 310 -4.36 -12.21 -17.24
N ARG A 311 -3.89 -13.01 -16.28
CA ARG A 311 -4.77 -14.08 -15.74
C ARG A 311 -5.95 -13.44 -15.00
N PHE A 312 -5.70 -12.36 -14.28
CA PHE A 312 -6.79 -11.64 -13.62
C PHE A 312 -7.82 -11.19 -14.65
N GLU A 313 -7.36 -10.56 -15.75
CA GLU A 313 -8.28 -10.15 -16.81
C GLU A 313 -9.14 -11.32 -17.33
N GLU A 314 -8.50 -12.47 -17.56
CA GLU A 314 -9.19 -13.70 -18.03
C GLU A 314 -10.17 -14.23 -17.00
N GLN A 315 -9.77 -14.21 -15.73
CA GLN A 315 -10.68 -14.67 -14.68
C GLN A 315 -11.90 -13.76 -14.55
N ALA A 316 -11.69 -12.43 -14.62
CA ALA A 316 -12.82 -11.49 -14.60
C ALA A 316 -13.83 -11.76 -15.71
N GLU A 317 -13.35 -11.97 -16.94
CA GLU A 317 -14.30 -12.23 -18.01
C GLU A 317 -15.15 -13.49 -17.78
N GLU A 318 -14.50 -14.57 -17.33
CA GLU A 318 -15.22 -15.83 -17.07
C GLU A 318 -16.33 -15.68 -16.02
N ALA A 319 -16.07 -14.88 -15.00
CA ALA A 319 -17.04 -14.64 -13.92
C ALA A 319 -18.13 -13.66 -14.37
N GLY A 320 -18.03 -13.17 -15.60
CA GLY A 320 -18.88 -12.12 -16.10
C GLY A 320 -18.74 -10.80 -15.36
N ARG A 321 -17.55 -10.51 -14.80
CA ARG A 321 -17.32 -9.21 -14.16
C ARG A 321 -16.68 -8.25 -15.14
N LYS A 322 -17.15 -7.00 -15.17
CA LYS A 322 -16.46 -6.00 -15.96
C LYS A 322 -15.09 -5.73 -15.33
N LEU A 323 -14.08 -5.55 -16.17
CA LEU A 323 -12.74 -5.22 -15.69
C LEU A 323 -12.59 -3.71 -15.70
N THR A 324 -12.05 -3.12 -14.64
CA THR A 324 -11.67 -1.71 -14.76
C THR A 324 -10.21 -1.55 -14.43
N GLY A 325 -9.56 -0.52 -15.00
CA GLY A 325 -8.13 -0.36 -14.80
C GLY A 325 -7.63 1.00 -15.24
N ASP A 326 -6.49 1.42 -14.72
CA ASP A 326 -5.91 2.71 -15.06
C ASP A 326 -4.63 2.41 -15.81
N TRP A 327 -4.69 2.47 -17.13
CA TRP A 327 -3.55 2.14 -17.99
C TRP A 327 -2.28 2.87 -17.56
N THR A 328 -2.44 4.14 -17.16
CA THR A 328 -1.27 4.97 -16.84
C THR A 328 -0.53 4.54 -15.59
N TRP A 329 -1.20 3.81 -14.70
CA TRP A 329 -0.51 3.22 -13.53
C TRP A 329 -0.25 1.76 -13.69
N LEU A 330 -1.03 1.09 -14.53
CA LEU A 330 -0.83 -0.34 -14.69
C LEU A 330 0.45 -0.66 -15.48
N ILE A 331 0.80 0.17 -16.47
CA ILE A 331 2.05 -0.14 -17.19
C ILE A 331 3.26 0.04 -16.24
N PRO A 332 4.20 -0.91 -16.25
CA PRO A 332 5.40 -0.72 -15.40
C PRO A 332 6.33 0.40 -15.94
N PRO A 333 7.19 1.00 -15.09
CA PRO A 333 8.00 2.10 -15.59
C PRO A 333 9.24 1.60 -16.30
N ILE A 334 9.33 0.29 -16.52
CA ILE A 334 10.50 -0.19 -17.21
C ILE A 334 10.04 -1.22 -18.21
N SER A 335 10.48 -1.07 -19.45
CA SER A 335 9.99 -1.85 -20.60
C SER A 335 8.49 -2.03 -20.70
N PRO A 336 7.68 -0.96 -20.56
CA PRO A 336 6.23 -1.20 -20.55
C PRO A 336 5.72 -1.86 -21.81
N ALA A 337 6.28 -1.53 -22.98
CA ALA A 337 5.81 -2.15 -24.21
C ALA A 337 6.04 -3.67 -24.31
N ALA A 338 6.82 -4.23 -23.39
CA ALA A 338 7.07 -5.68 -23.40
C ALA A 338 6.00 -6.43 -22.64
N THR A 339 5.03 -5.71 -22.08
CA THR A 339 3.96 -6.39 -21.33
C THR A 339 2.74 -6.19 -22.18
N HIS A 340 1.76 -7.08 -22.07
CA HIS A 340 0.52 -7.01 -22.85
C HIS A 340 -0.29 -5.78 -22.46
N ILE A 341 -0.11 -5.31 -21.24
CA ILE A 341 -0.83 -4.17 -20.71
C ILE A 341 -0.72 -2.94 -21.62
N PHE A 342 0.49 -2.65 -22.03
CA PHE A 342 0.76 -1.47 -22.85
C PHE A 342 -0.09 -1.46 -24.11
N HIS A 343 -0.38 -2.66 -24.65
CA HIS A 343 -0.97 -2.76 -25.98
C HIS A 343 -2.48 -2.91 -25.96
N ARG A 344 -3.10 -2.73 -24.80
CA ARG A 344 -4.56 -2.71 -24.77
C ARG A 344 -5.00 -1.50 -23.94
N SER A 345 -6.31 -1.24 -23.92
CA SER A 345 -6.80 -0.12 -23.12
C SER A 345 -7.71 -0.66 -22.02
N TYR A 346 -8.04 0.20 -21.06
CA TYR A 346 -8.76 -0.23 -19.88
C TYR A 346 -9.72 0.87 -19.47
N ASP A 347 -10.93 0.46 -19.09
CA ASP A 347 -11.96 1.37 -18.65
C ASP A 347 -11.59 1.79 -17.22
N ASN A 348 -11.35 3.09 -17.01
CA ASN A 348 -10.94 3.60 -15.68
C ASN A 348 -12.11 3.94 -14.76
N SER A 349 -13.29 3.38 -15.00
CA SER A 349 -14.42 3.65 -14.08
C SER A 349 -14.12 3.22 -12.64
N ILE A 350 -14.69 3.96 -11.69
CA ILE A 350 -14.52 3.63 -10.27
C ILE A 350 -15.74 2.84 -9.78
N VAL A 351 -15.52 1.60 -9.37
CA VAL A 351 -16.54 0.74 -8.77
C VAL A 351 -16.26 0.56 -7.27
N LYS A 352 -17.31 0.55 -6.44
CA LYS A 352 -17.12 0.32 -5.01
C LYS A 352 -17.55 -1.11 -4.62
N PRO A 353 -16.95 -1.67 -3.53
CA PRO A 353 -15.96 -1.15 -2.56
C PRO A 353 -14.59 -0.81 -3.15
N ASN A 354 -13.86 0.09 -2.49
CA ASN A 354 -12.58 0.53 -3.04
C ASN A 354 -11.72 1.27 -2.00
N TYR A 355 -10.46 1.49 -2.31
CA TYR A 355 -9.55 2.27 -1.47
C TYR A 355 -9.47 3.67 -2.08
N PHE A 356 -9.48 4.69 -1.22
CA PHE A 356 -9.44 6.09 -1.68
C PHE A 356 -8.38 6.90 -0.93
N TYR A 357 -7.80 7.86 -1.65
CA TYR A 357 -6.98 8.92 -1.09
C TYR A 357 -7.80 9.70 -0.06
N GLN A 358 -7.17 10.07 1.05
CA GLN A 358 -7.77 11.05 1.97
C GLN A 358 -6.66 12.00 2.42
N ASP A 359 -7.01 13.24 2.77
CA ASP A 359 -6.01 14.23 3.20
C ASP A 359 -5.27 13.83 4.46
N LYS A 360 -3.98 14.16 4.51
CA LYS A 360 -3.26 14.03 5.77
C LYS A 360 -3.57 15.20 6.69
N PRO A 361 -3.41 15.00 8.01
CA PRO A 361 -3.70 16.06 8.99
C PRO A 361 -2.73 17.24 8.85
N TYR A 362 -1.43 16.97 9.05
CA TYR A 362 -0.37 17.90 8.69
C TYR A 362 -0.40 18.07 7.16
N GLU A 363 0.45 18.97 6.63
CA GLU A 363 0.40 19.33 5.20
C GLU A 363 -1.01 19.63 4.67
#